data_4PPR
#
_entry.id   4PPR
#
_cell.length_a   76.291
_cell.length_b   76.291
_cell.length_c   99.978
_cell.angle_alpha   90.00
_cell.angle_beta   90.00
_cell.angle_gamma   90.00
#
_symmetry.space_group_name_H-M   'P 41 2 2'
#
loop_
_entity.id
_entity.type
_entity.pdbx_description
1 polymer 'Penicillin-binding protein DacB1'
2 non-polymer '(4R,5S)-3-{[(3S,5S)-5-(dimethylcarbamoyl)pyrrolidin-3-yl]sulfanyl}-5-[(2S,3R)-3-hydroxy-1-oxobutan-2-yl]-4-methyl-4,5-d ihydro-1H-pyrrole-2-carboxylic acid'
3 water water
#
_entity_poly.entity_id   1
_entity_poly.type   'polypeptide(L)'
_entity_poly.pdbx_seq_one_letter_code
;GHMPYKVSTPPAVDSSEVPAAGEPPLPLVVPPTPVGGNALGGCGIITAPGSAPAPGDVSAEAWLVADLDSGAVIAARDPH
GRHRPASVIKVLVAMASINTLTLNKSVAGTADDAAVEGTKVGVNTGGTYTVNQLLHGLLMHSGNDAAYALARQLGGMPAA
LEKINLLAAKLGGRDTRVATPSGLDGPGMSTSAYDIGLFYRYAWQNPVFADIVATRTFDFPGHGDHPGYELENDNQLLYN
YPGALGGKTGYTDDAGQTFVGAANRDGRRLMTVLLHGTRQPIPPWEQAAHLLDYGFNTPAGTQIGTLIEPDPSLMSTDRN
PADRQRVDPQAAAR
;
_entity_poly.pdbx_strand_id   A
#
loop_
_chem_comp.id
_chem_comp.type
_chem_comp.name
_chem_comp.formula
MER non-polymer '(4R,5S)-3-{[(3S,5S)-5-(dimethylcarbamoyl)pyrrolidin-3-yl]sulfanyl}-5-[(2S,3R)-3-hydroxy-1-oxobutan-2-yl]-4-methyl-4,5-d ihydro-1H-pyrrole-2-carboxylic acid' 'C17 H27 N3 O5 S'
#
# COMPACT_ATOMS: atom_id res chain seq x y z
N PRO A 25 18.29 -13.94 -8.03
CA PRO A 25 17.96 -14.42 -6.69
C PRO A 25 16.92 -15.54 -6.73
N LEU A 26 17.07 -16.54 -5.86
CA LEU A 26 16.15 -17.67 -5.83
C LEU A 26 14.75 -17.20 -5.47
N PRO A 27 13.72 -17.84 -6.03
CA PRO A 27 12.35 -17.45 -5.68
C PRO A 27 12.07 -17.74 -4.21
N LEU A 28 11.12 -17.01 -3.64
CA LEU A 28 10.67 -17.29 -2.28
C LEU A 28 9.95 -18.63 -2.25
N VAL A 29 10.15 -19.37 -1.17
CA VAL A 29 9.41 -20.58 -0.91
C VAL A 29 7.90 -20.34 -1.05
N VAL A 30 7.22 -21.28 -1.69
CA VAL A 30 5.77 -21.32 -1.68
C VAL A 30 5.32 -22.09 -0.43
N PRO A 31 4.48 -21.47 0.41
CA PRO A 31 4.01 -22.16 1.63
C PRO A 31 3.27 -23.47 1.31
N PRO A 32 3.38 -24.48 2.20
CA PRO A 32 2.80 -25.81 1.95
C PRO A 32 1.28 -25.81 1.89
N THR A 33 0.69 -24.76 2.46
CA THR A 33 -0.76 -24.56 2.43
C THR A 33 -0.93 -23.08 2.19
N PRO A 34 -1.86 -22.69 1.29
CA PRO A 34 -2.02 -21.26 1.04
C PRO A 34 -2.25 -20.49 2.35
N VAL A 35 -1.50 -19.42 2.55
CA VAL A 35 -1.63 -18.62 3.76
C VAL A 35 -3.02 -17.99 3.80
N GLY A 36 -3.71 -18.14 4.92
CA GLY A 36 -5.03 -17.58 5.05
C GLY A 36 -6.15 -18.56 4.73
N GLY A 37 -5.80 -19.73 4.23
CA GLY A 37 -6.80 -20.76 3.98
C GLY A 37 -6.65 -21.45 2.64
N ASN A 38 -7.04 -22.73 2.60
CA ASN A 38 -6.87 -23.57 1.42
C ASN A 38 -7.54 -23.00 0.16
N ALA A 39 -8.67 -22.34 0.33
CA ALA A 39 -9.40 -21.80 -0.82
C ALA A 39 -8.59 -20.72 -1.57
N LEU A 40 -7.62 -20.12 -0.90
CA LEU A 40 -6.87 -19.01 -1.48
C LEU A 40 -5.72 -19.43 -2.39
N GLY A 41 -5.64 -20.72 -2.73
CA GLY A 41 -4.57 -21.21 -3.57
C GLY A 41 -4.89 -21.31 -5.06
N GLY A 42 -6.15 -21.13 -5.41
CA GLY A 42 -6.57 -21.35 -6.79
C GLY A 42 -6.34 -20.20 -7.75
N CYS A 43 -6.45 -20.51 -9.04
CA CYS A 43 -6.43 -19.50 -10.08
C CYS A 43 -7.86 -19.05 -10.34
N GLY A 44 -8.02 -17.91 -11.00
CA GLY A 44 -9.35 -17.45 -11.34
C GLY A 44 -10.13 -16.98 -10.12
N ILE A 45 -11.40 -16.71 -10.34
CA ILE A 45 -12.22 -16.05 -9.32
C ILE A 45 -12.69 -17.02 -8.25
N ILE A 46 -12.50 -16.63 -7.00
CA ILE A 46 -12.93 -17.43 -5.87
C ILE A 46 -13.97 -16.67 -5.08
N THR A 47 -15.16 -17.23 -4.98
CA THR A 47 -16.21 -16.61 -4.20
C THR A 47 -16.94 -17.67 -3.38
N ALA A 48 -17.58 -17.23 -2.31
CA ALA A 48 -18.35 -18.12 -1.45
C ALA A 48 -19.47 -18.78 -2.26
N PRO A 49 -19.91 -19.98 -1.83
CA PRO A 49 -20.99 -20.65 -2.56
C PRO A 49 -22.26 -19.80 -2.66
N GLY A 50 -22.89 -19.82 -3.83
CA GLY A 50 -24.15 -19.13 -4.04
C GLY A 50 -24.05 -17.63 -4.29
N SER A 51 -22.84 -17.08 -4.17
CA SER A 51 -22.69 -15.63 -4.26
C SER A 51 -22.92 -15.11 -5.67
N ALA A 52 -23.23 -13.83 -5.77
CA ALA A 52 -23.44 -13.20 -7.08
C ALA A 52 -22.16 -13.27 -7.91
N PRO A 53 -22.30 -13.23 -9.24
CA PRO A 53 -21.11 -13.21 -10.10
C PRO A 53 -20.26 -11.95 -9.86
N ALA A 54 -18.95 -12.09 -10.00
CA ALA A 54 -18.04 -10.96 -9.80
C ALA A 54 -18.18 -9.97 -10.95
N PRO A 55 -17.87 -8.68 -10.69
CA PRO A 55 -17.90 -7.63 -11.72
C PRO A 55 -17.07 -7.99 -12.96
N GLY A 56 -17.65 -7.79 -14.14
CA GLY A 56 -17.00 -8.22 -15.38
C GLY A 56 -16.09 -7.20 -16.03
N ASP A 57 -16.11 -5.97 -15.52
CA ASP A 57 -15.26 -4.92 -16.09
C ASP A 57 -13.98 -4.74 -15.29
N VAL A 58 -13.54 -5.81 -14.62
CA VAL A 58 -12.25 -5.80 -13.95
C VAL A 58 -11.21 -6.52 -14.80
N SER A 59 -10.11 -5.85 -15.12
CA SER A 59 -9.08 -6.46 -15.95
C SER A 59 -7.88 -6.91 -15.14
N ALA A 60 -7.90 -6.64 -13.84
CA ALA A 60 -6.85 -7.12 -12.95
C ALA A 60 -6.79 -8.64 -13.00
N GLU A 61 -5.61 -9.20 -13.28
CA GLU A 61 -5.48 -10.64 -13.34
C GLU A 61 -5.48 -11.25 -11.94
N ALA A 62 -5.21 -10.43 -10.95
CA ALA A 62 -5.31 -10.86 -9.56
C ALA A 62 -5.96 -9.76 -8.72
N TRP A 63 -6.84 -10.15 -7.82
CA TRP A 63 -7.42 -9.18 -6.93
C TRP A 63 -7.97 -9.77 -5.65
N LEU A 64 -8.32 -8.89 -4.74
CA LEU A 64 -8.74 -9.26 -3.40
C LEU A 64 -9.82 -8.30 -2.95
N VAL A 65 -10.81 -8.82 -2.22
CA VAL A 65 -11.74 -8.00 -1.47
C VAL A 65 -11.78 -8.55 -0.05
N ALA A 66 -11.58 -7.66 0.92
CA ALA A 66 -11.42 -8.10 2.31
C ALA A 66 -11.95 -7.06 3.29
N ASP A 67 -12.27 -7.54 4.49
CA ASP A 67 -12.77 -6.72 5.58
C ASP A 67 -11.61 -6.24 6.44
N LEU A 68 -11.43 -4.92 6.52
CA LEU A 68 -10.31 -4.33 7.25
C LEU A 68 -10.31 -4.63 8.75
N ASP A 69 -11.49 -4.83 9.30
CA ASP A 69 -11.62 -5.04 10.75
C ASP A 69 -11.47 -6.52 11.13
N SER A 70 -12.26 -7.37 10.49
CA SER A 70 -12.25 -8.80 10.82
C SER A 70 -11.12 -9.55 10.13
N GLY A 71 -10.64 -9.01 9.00
CA GLY A 71 -9.60 -9.67 8.24
C GLY A 71 -10.14 -10.71 7.27
N ALA A 72 -11.47 -10.83 7.21
CA ALA A 72 -12.10 -11.80 6.33
C ALA A 72 -11.79 -11.48 4.87
N VAL A 73 -11.37 -12.49 4.11
CA VAL A 73 -11.28 -12.37 2.67
C VAL A 73 -12.65 -12.76 2.10
N ILE A 74 -13.29 -11.80 1.45
CA ILE A 74 -14.66 -11.97 0.97
C ILE A 74 -14.69 -12.61 -0.41
N ALA A 75 -13.78 -12.18 -1.28
CA ALA A 75 -13.66 -12.75 -2.62
C ALA A 75 -12.27 -12.45 -3.18
N ALA A 76 -11.85 -13.20 -4.17
CA ALA A 76 -10.52 -13.03 -4.70
C ALA A 76 -10.36 -13.59 -6.10
N ARG A 77 -9.32 -13.16 -6.77
CA ARG A 77 -8.88 -13.80 -7.99
C ARG A 77 -7.38 -13.99 -7.89
N ASP A 78 -6.93 -15.24 -8.02
CA ASP A 78 -5.52 -15.58 -7.90
C ASP A 78 -4.85 -14.84 -6.74
N PRO A 79 -5.43 -14.93 -5.52
CA PRO A 79 -4.94 -14.08 -4.43
C PRO A 79 -3.47 -14.32 -4.06
N HIS A 80 -2.93 -15.50 -4.34
CA HIS A 80 -1.54 -15.78 -3.99
C HIS A 80 -0.63 -15.88 -5.21
N GLY A 81 -1.17 -15.59 -6.38
CA GLY A 81 -0.34 -15.49 -7.58
C GLY A 81 0.71 -14.41 -7.37
N ARG A 82 1.89 -14.63 -7.90
CA ARG A 82 2.97 -13.68 -7.67
C ARG A 82 3.11 -12.72 -8.84
N HIS A 83 3.02 -11.43 -8.51
CA HIS A 83 3.06 -10.35 -9.48
C HIS A 83 3.85 -9.19 -8.89
N ARG A 84 4.24 -8.25 -9.74
CA ARG A 84 4.94 -7.06 -9.26
C ARG A 84 3.93 -6.02 -8.75
N PRO A 85 4.32 -5.28 -7.70
CA PRO A 85 3.40 -4.34 -7.03
C PRO A 85 3.34 -2.95 -7.65
N ALA A 86 4.35 -2.56 -8.41
CA ALA A 86 4.54 -1.15 -8.76
C ALA A 86 4.44 -0.29 -7.48
N SER A 87 3.87 0.91 -7.59
CA SER A 87 3.90 1.86 -6.48
C SER A 87 3.09 1.47 -5.22
N VAL A 88 2.20 0.49 -5.29
CA VAL A 88 1.40 0.20 -4.11
C VAL A 88 2.28 -0.39 -2.99
N ILE A 89 3.49 -0.80 -3.35
CA ILE A 89 4.42 -1.36 -2.37
C ILE A 89 4.96 -0.26 -1.44
N LYS A 90 4.68 0.99 -1.77
CA LYS A 90 5.14 2.13 -0.95
C LYS A 90 4.60 2.06 0.49
N VAL A 91 3.56 1.25 0.69
CA VAL A 91 3.00 1.06 2.02
C VAL A 91 4.06 0.59 3.01
N LEU A 92 5.01 -0.21 2.55
CA LEU A 92 6.01 -0.79 3.46
C LEU A 92 7.05 0.23 3.92
N VAL A 93 7.61 1.02 3.00
CA VAL A 93 8.54 2.07 3.45
C VAL A 93 7.79 3.12 4.28
N ALA A 94 6.51 3.32 3.99
CA ALA A 94 5.71 4.26 4.76
C ALA A 94 5.55 3.77 6.20
N MET A 95 5.23 2.49 6.38
CA MET A 95 4.99 1.97 7.73
C MET A 95 6.29 1.76 8.50
N ALA A 96 7.34 1.36 7.81
CA ALA A 96 8.66 1.27 8.44
C ALA A 96 9.06 2.62 9.00
N SER A 97 8.73 3.68 8.26
CA SER A 97 9.06 5.05 8.65
C SER A 97 8.19 5.51 9.81
N ILE A 98 6.89 5.31 9.67
CA ILE A 98 5.95 5.68 10.73
C ILE A 98 6.30 4.93 12.02
N ASN A 99 6.67 3.67 11.91
CA ASN A 99 7.01 2.88 13.09
C ASN A 99 8.30 3.31 13.79
N THR A 100 9.35 3.59 13.02
CA THR A 100 10.68 3.77 13.60
C THR A 100 11.23 5.20 13.58
N LEU A 101 10.56 6.09 12.84
CA LEU A 101 11.04 7.48 12.73
C LEU A 101 10.06 8.47 13.37
N THR A 102 10.60 9.50 14.03
CA THR A 102 9.76 10.55 14.59
C THR A 102 9.17 11.38 13.46
N LEU A 103 7.88 11.73 13.58
CA LEU A 103 7.17 12.42 12.50
C LEU A 103 7.72 13.82 12.22
N ASN A 104 8.14 14.53 13.27
CA ASN A 104 8.61 15.90 13.11
C ASN A 104 10.11 15.97 12.86
N LYS A 105 10.75 14.81 12.81
CA LYS A 105 12.18 14.73 12.54
C LYS A 105 12.51 15.26 11.14
N SER A 106 13.43 16.21 11.08
CA SER A 106 13.82 16.84 9.82
C SER A 106 14.78 15.99 9.00
N VAL A 107 14.48 15.85 7.72
CA VAL A 107 15.35 15.15 6.80
C VAL A 107 15.80 16.11 5.71
N ALA A 108 17.11 16.18 5.48
CA ALA A 108 17.64 17.05 4.44
C ALA A 108 17.54 16.37 3.09
N GLY A 109 17.05 17.09 2.10
CA GLY A 109 16.96 16.56 0.75
C GLY A 109 18.32 16.50 0.08
N THR A 110 18.45 15.64 -0.93
CA THR A 110 19.68 15.55 -1.71
C THR A 110 19.36 15.53 -3.20
N ALA A 111 20.38 15.72 -4.03
CA ALA A 111 20.21 15.61 -5.47
C ALA A 111 19.88 14.18 -5.86
N ASP A 112 20.37 13.22 -5.08
CA ASP A 112 20.08 11.80 -5.30
C ASP A 112 18.58 11.53 -5.24
N ASP A 113 17.90 12.21 -4.32
CA ASP A 113 16.46 12.08 -4.20
C ASP A 113 15.79 12.56 -5.48
N ALA A 114 16.29 13.66 -6.02
CA ALA A 114 15.71 14.26 -7.22
C ALA A 114 16.12 13.50 -8.48
N ALA A 115 17.16 12.68 -8.36
CA ALA A 115 17.69 11.94 -9.51
C ALA A 115 16.91 10.67 -9.83
N VAL A 116 16.05 10.24 -8.90
CA VAL A 116 15.28 9.02 -9.12
C VAL A 116 14.30 9.19 -10.28
N GLU A 117 13.95 8.10 -10.93
CA GLU A 117 13.00 8.20 -12.04
C GLU A 117 11.57 8.19 -11.52
N GLY A 118 10.64 8.56 -12.40
CA GLY A 118 9.23 8.57 -12.06
C GLY A 118 8.79 9.86 -11.40
N THR A 119 7.60 9.78 -10.79
CA THR A 119 6.96 10.93 -10.18
C THR A 119 7.73 11.44 -8.97
N LYS A 120 7.78 12.76 -8.80
CA LYS A 120 8.52 13.38 -7.72
C LYS A 120 7.72 14.56 -7.17
N VAL A 121 7.86 14.81 -5.86
CA VAL A 121 7.11 15.88 -5.20
C VAL A 121 7.98 17.09 -4.91
N GLY A 122 9.27 16.98 -5.19
CA GLY A 122 10.17 18.12 -5.06
C GLY A 122 11.18 18.04 -3.92
N VAL A 123 11.61 16.83 -3.58
CA VAL A 123 12.63 16.66 -2.55
C VAL A 123 14.01 16.84 -3.17
N ASN A 124 14.75 17.83 -2.69
CA ASN A 124 16.02 18.18 -3.34
C ASN A 124 17.01 18.85 -2.41
N THR A 125 18.24 19.02 -2.91
CA THR A 125 19.31 19.72 -2.19
C THR A 125 18.84 21.09 -1.70
N GLY A 126 19.25 21.45 -0.49
CA GLY A 126 18.85 22.73 0.09
C GLY A 126 17.47 22.66 0.70
N GLY A 127 16.85 21.49 0.62
CA GLY A 127 15.53 21.27 1.19
C GLY A 127 15.58 20.55 2.52
N THR A 128 14.70 20.95 3.42
CA THR A 128 14.49 20.23 4.69
C THR A 128 13.04 19.78 4.77
N TYR A 129 12.84 18.50 5.05
CA TYR A 129 11.51 17.92 5.07
C TYR A 129 11.33 17.06 6.31
N THR A 130 10.19 17.19 6.98
CA THR A 130 9.89 16.30 8.09
C THR A 130 9.46 14.94 7.53
N VAL A 131 9.68 13.89 8.31
CA VAL A 131 9.20 12.55 7.96
C VAL A 131 7.72 12.61 7.58
N ASN A 132 6.97 13.39 8.34
CA ASN A 132 5.55 13.60 8.08
C ASN A 132 5.27 14.14 6.68
N GLN A 133 6.02 15.17 6.29
CA GLN A 133 5.86 15.77 4.96
C GLN A 133 6.26 14.80 3.87
N LEU A 134 7.33 14.04 4.11
CA LEU A 134 7.79 13.04 3.14
C LEU A 134 6.71 11.97 2.92
N LEU A 135 6.11 11.51 4.01
CA LEU A 135 5.03 10.52 3.94
C LEU A 135 3.81 11.01 3.14
N HIS A 136 3.44 12.28 3.31
CA HIS A 136 2.35 12.83 2.49
C HIS A 136 2.73 12.85 1.02
N GLY A 137 3.97 13.23 0.72
CA GLY A 137 4.45 13.24 -0.65
C GLY A 137 4.52 11.82 -1.21
N LEU A 138 4.99 10.91 -0.38
CA LEU A 138 5.08 9.49 -0.75
C LEU A 138 3.71 8.93 -1.13
N LEU A 139 2.71 9.19 -0.30
CA LEU A 139 1.44 8.50 -0.44
C LEU A 139 0.37 9.25 -1.24
N MET A 140 0.46 10.58 -1.28
CA MET A 140 -0.54 11.38 -2.00
C MET A 140 -0.20 11.53 -3.49
N HIS A 141 1.08 11.58 -3.82
CA HIS A 141 1.49 11.77 -5.22
C HIS A 141 2.47 10.69 -5.69
N SER A 142 2.67 9.67 -4.87
CA SER A 142 3.56 8.56 -5.22
C SER A 142 4.99 9.05 -5.48
N GLY A 143 5.40 10.06 -4.72
CA GLY A 143 6.72 10.64 -4.87
C GLY A 143 7.85 9.65 -4.66
N ASN A 144 8.54 9.30 -5.74
CA ASN A 144 9.67 8.40 -5.65
C ASN A 144 10.86 9.04 -4.94
N ASP A 145 10.92 10.37 -4.99
CA ASP A 145 11.98 11.09 -4.30
C ASP A 145 11.77 11.01 -2.80
N ALA A 146 10.50 11.09 -2.38
CA ALA A 146 10.14 10.96 -0.98
C ALA A 146 10.47 9.54 -0.49
N ALA A 147 10.20 8.53 -1.31
CA ALA A 147 10.57 7.16 -0.99
C ALA A 147 12.06 7.01 -0.79
N TYR A 148 12.83 7.60 -1.71
CA TYR A 148 14.29 7.48 -1.65
C TYR A 148 14.84 8.17 -0.40
N ALA A 149 14.29 9.34 -0.10
CA ALA A 149 14.68 10.11 1.07
C ALA A 149 14.44 9.32 2.36
N LEU A 150 13.28 8.67 2.43
CA LEU A 150 12.92 7.91 3.62
C LEU A 150 13.85 6.72 3.77
N ALA A 151 14.21 6.11 2.65
CA ALA A 151 15.10 4.97 2.61
C ALA A 151 16.49 5.32 3.15
N ARG A 152 17.00 6.49 2.77
CA ARG A 152 18.25 6.97 3.35
C ARG A 152 18.06 7.19 4.85
N GLN A 153 16.91 7.74 5.23
CA GLN A 153 16.65 8.01 6.64
C GLN A 153 16.48 6.72 7.45
N LEU A 154 16.11 5.63 6.78
CA LEU A 154 16.03 4.33 7.43
C LEU A 154 17.41 3.66 7.45
N GLY A 155 18.43 4.36 6.95
CA GLY A 155 19.79 3.88 7.01
C GLY A 155 20.45 3.61 5.67
N GLY A 156 19.91 4.19 4.60
CA GLY A 156 20.40 3.93 3.27
C GLY A 156 19.71 2.73 2.66
N MET A 157 19.83 2.59 1.34
CA MET A 157 19.08 1.57 0.59
C MET A 157 19.23 0.11 1.10
N PRO A 158 20.47 -0.34 1.41
CA PRO A 158 20.56 -1.72 1.91
C PRO A 158 19.80 -1.96 3.22
N ALA A 159 19.97 -1.05 4.18
CA ALA A 159 19.30 -1.19 5.47
C ALA A 159 17.80 -1.01 5.30
N ALA A 160 17.42 -0.08 4.43
CA ALA A 160 16.01 0.20 4.18
C ALA A 160 15.31 -1.03 3.63
N LEU A 161 15.94 -1.69 2.66
CA LEU A 161 15.36 -2.88 2.04
C LEU A 161 15.28 -4.03 3.04
N GLU A 162 16.29 -4.13 3.90
CA GLU A 162 16.28 -5.14 4.95
C GLU A 162 15.11 -4.91 5.90
N LYS A 163 14.88 -3.65 6.29
CA LYS A 163 13.78 -3.32 7.17
C LYS A 163 12.43 -3.54 6.49
N ILE A 164 12.34 -3.14 5.22
CA ILE A 164 11.11 -3.28 4.45
C ILE A 164 10.73 -4.75 4.28
N ASN A 165 11.71 -5.59 3.97
CA ASN A 165 11.44 -7.00 3.78
C ASN A 165 11.24 -7.72 5.11
N LEU A 166 11.88 -7.24 6.17
CA LEU A 166 11.61 -7.75 7.51
C LEU A 166 10.17 -7.46 7.90
N LEU A 167 9.72 -6.23 7.63
CA LEU A 167 8.34 -5.85 7.88
C LEU A 167 7.37 -6.72 7.09
N ALA A 168 7.66 -6.94 5.81
CA ALA A 168 6.85 -7.82 4.98
C ALA A 168 6.74 -9.20 5.60
N ALA A 169 7.88 -9.76 6.00
CA ALA A 169 7.91 -11.09 6.59
C ALA A 169 7.16 -11.17 7.91
N LYS A 170 7.31 -10.14 8.75
CA LYS A 170 6.66 -10.12 10.07
C LYS A 170 5.15 -9.92 9.96
N LEU A 171 4.70 -9.45 8.80
CA LEU A 171 3.28 -9.30 8.52
C LEU A 171 2.70 -10.53 7.83
N GLY A 172 3.56 -11.52 7.57
CA GLY A 172 3.12 -12.75 6.96
C GLY A 172 3.15 -12.74 5.44
N GLY A 173 3.88 -11.78 4.86
CA GLY A 173 3.94 -11.63 3.42
C GLY A 173 4.94 -12.55 2.76
N ARG A 174 4.63 -13.83 2.72
CA ARG A 174 5.54 -14.86 2.26
C ARG A 174 5.68 -14.92 0.73
N ASP A 175 4.87 -14.13 0.03
CA ASP A 175 5.00 -13.97 -1.43
C ASP A 175 5.79 -12.72 -1.79
N THR A 176 6.22 -11.97 -0.79
CA THR A 176 6.71 -10.62 -1.02
C THR A 176 8.21 -10.45 -0.82
N ARG A 177 8.87 -10.01 -1.88
CA ARG A 177 10.26 -9.61 -1.82
C ARG A 177 10.38 -8.24 -2.47
N VAL A 178 10.85 -7.26 -1.72
CA VAL A 178 10.84 -5.88 -2.19
C VAL A 178 12.21 -5.47 -2.70
N ALA A 179 12.29 -5.15 -4.00
CA ALA A 179 13.55 -4.77 -4.63
C ALA A 179 13.83 -3.28 -4.51
N THR A 180 12.76 -2.48 -4.50
CA THR A 180 12.89 -1.03 -4.31
C THR A 180 11.78 -0.52 -3.40
N PRO A 181 12.08 0.50 -2.58
CA PRO A 181 11.09 1.14 -1.70
C PRO A 181 9.97 1.83 -2.47
N SER A 182 10.28 2.33 -3.67
CA SER A 182 9.31 3.12 -4.44
C SER A 182 8.33 2.26 -5.25
N GLY A 183 8.72 1.04 -5.56
CA GLY A 183 7.91 0.19 -6.41
C GLY A 183 8.48 0.02 -7.80
N LEU A 184 9.54 0.77 -8.12
CA LEU A 184 10.25 0.60 -9.38
C LEU A 184 10.67 -0.86 -9.53
N ASP A 185 10.56 -1.40 -10.74
CA ASP A 185 10.89 -2.80 -10.99
C ASP A 185 12.36 -3.08 -10.69
N GLY A 186 12.62 -4.26 -10.12
CA GLY A 186 13.98 -4.65 -9.78
C GLY A 186 14.06 -6.17 -9.72
N PRO A 187 15.27 -6.72 -9.75
CA PRO A 187 15.40 -8.19 -9.74
C PRO A 187 14.81 -8.79 -8.46
N GLY A 188 13.99 -9.82 -8.62
CA GLY A 188 13.40 -10.51 -7.49
C GLY A 188 12.15 -9.85 -6.92
N MET A 189 11.79 -8.68 -7.45
CA MET A 189 10.61 -7.97 -6.97
C MET A 189 9.38 -8.84 -7.13
N SER A 190 8.62 -8.99 -6.05
CA SER A 190 7.39 -9.79 -6.11
C SER A 190 6.48 -9.53 -4.92
N THR A 191 5.20 -9.78 -5.14
CA THR A 191 4.20 -9.72 -4.08
C THR A 191 2.99 -10.52 -4.53
N SER A 192 1.93 -10.47 -3.75
CA SER A 192 0.66 -11.05 -4.16
C SER A 192 -0.45 -10.10 -3.73
N ALA A 193 -1.65 -10.30 -4.26
CA ALA A 193 -2.77 -9.45 -3.88
C ALA A 193 -3.09 -9.67 -2.40
N TYR A 194 -2.97 -10.91 -1.96
CA TYR A 194 -3.12 -11.24 -0.55
C TYR A 194 -2.14 -10.47 0.33
N ASP A 195 -0.86 -10.54 0.01
CA ASP A 195 0.17 -9.86 0.81
C ASP A 195 -0.06 -8.37 0.86
N ILE A 196 -0.40 -7.77 -0.27
CA ILE A 196 -0.65 -6.33 -0.31
C ILE A 196 -1.82 -6.03 0.62
N GLY A 197 -2.82 -6.91 0.61
CA GLY A 197 -3.92 -6.83 1.56
C GLY A 197 -3.44 -6.87 2.99
N LEU A 198 -2.51 -7.78 3.31
CA LEU A 198 -1.93 -7.84 4.65
C LEU A 198 -1.31 -6.50 5.04
N PHE A 199 -0.57 -5.90 4.10
CA PHE A 199 0.21 -4.71 4.41
C PHE A 199 -0.70 -3.51 4.64
N TYR A 200 -1.72 -3.36 3.79
CA TYR A 200 -2.61 -2.22 3.93
C TYR A 200 -3.60 -2.37 5.08
N ARG A 201 -4.00 -3.60 5.41
CA ARG A 201 -4.81 -3.79 6.61
C ARG A 201 -4.04 -3.33 7.85
N TYR A 202 -2.76 -3.70 7.92
CA TYR A 202 -1.91 -3.27 9.02
C TYR A 202 -1.74 -1.75 9.03
N ALA A 203 -1.46 -1.19 7.86
CA ALA A 203 -1.28 0.25 7.73
C ALA A 203 -2.54 1.04 8.09
N TRP A 204 -3.70 0.58 7.63
CA TRP A 204 -4.95 1.30 7.91
C TRP A 204 -5.35 1.20 9.39
N GLN A 205 -4.67 0.36 10.15
N GLN A 205 -4.68 0.33 10.13
CA GLN A 205 -4.90 0.28 11.59
CA GLN A 205 -4.83 0.25 11.58
C GLN A 205 -4.07 1.32 12.34
C GLN A 205 -4.22 1.46 12.24
N ASN A 206 -3.17 1.99 11.62
CA ASN A 206 -2.40 3.09 12.19
C ASN A 206 -3.02 4.41 11.76
N PRO A 207 -3.45 5.24 12.74
CA PRO A 207 -4.16 6.50 12.49
C PRO A 207 -3.34 7.49 11.68
N VAL A 208 -2.03 7.48 11.85
CA VAL A 208 -1.17 8.36 11.07
C VAL A 208 -1.28 8.00 9.59
N PHE A 209 -1.15 6.71 9.28
CA PHE A 209 -1.29 6.26 7.90
C PHE A 209 -2.68 6.56 7.37
N ALA A 210 -3.70 6.22 8.15
CA ALA A 210 -5.09 6.43 7.76
C ALA A 210 -5.38 7.89 7.44
N ASP A 211 -4.92 8.79 8.31
CA ASP A 211 -5.10 10.22 8.09
C ASP A 211 -4.46 10.70 6.78
N ILE A 212 -3.22 10.27 6.55
CA ILE A 212 -2.50 10.69 5.35
C ILE A 212 -3.21 10.29 4.05
N VAL A 213 -3.60 9.02 3.94
CA VAL A 213 -4.16 8.55 2.68
C VAL A 213 -5.57 9.09 2.46
N ALA A 214 -6.19 9.58 3.52
CA ALA A 214 -7.50 10.24 3.41
C ALA A 214 -7.36 11.74 3.12
N THR A 215 -6.12 12.22 3.02
CA THR A 215 -5.88 13.66 2.88
C THR A 215 -5.98 14.12 1.42
N ARG A 216 -6.80 15.15 1.18
CA ARG A 216 -7.03 15.65 -0.17
C ARG A 216 -6.02 16.71 -0.59
N THR A 217 -5.68 17.62 0.31
CA THR A 217 -4.70 18.66 0.03
C THR A 217 -3.72 18.83 1.18
N PHE A 218 -2.44 19.03 0.84
CA PHE A 218 -1.39 19.16 1.83
C PHE A 218 -0.39 20.23 1.41
N ASP A 219 0.03 21.06 2.37
CA ASP A 219 1.03 22.11 2.11
C ASP A 219 2.43 21.52 2.09
N PHE A 220 2.99 21.34 0.91
CA PHE A 220 4.31 20.76 0.83
C PHE A 220 5.37 21.85 0.89
N PRO A 221 6.43 21.63 1.68
CA PRO A 221 7.41 22.71 1.86
C PRO A 221 8.24 22.99 0.63
N GLY A 222 8.50 24.26 0.36
CA GLY A 222 9.44 24.64 -0.68
C GLY A 222 10.83 24.62 -0.09
N HIS A 223 11.82 25.07 -0.86
CA HIS A 223 13.18 25.16 -0.36
C HIS A 223 13.99 26.17 -1.17
N GLY A 224 14.72 27.03 -0.47
CA GLY A 224 15.50 28.06 -1.12
C GLY A 224 14.61 29.00 -1.90
N ASP A 225 14.91 29.13 -3.20
CA ASP A 225 14.07 29.95 -4.09
C ASP A 225 12.82 29.18 -4.51
N HIS A 226 12.81 27.88 -4.30
CA HIS A 226 11.64 27.08 -4.63
C HIS A 226 10.56 27.28 -3.59
N PRO A 227 9.37 27.72 -4.02
CA PRO A 227 8.26 27.97 -3.09
C PRO A 227 7.50 26.70 -2.74
N GLY A 228 6.79 26.72 -1.62
CA GLY A 228 5.92 25.63 -1.25
C GLY A 228 4.71 25.62 -2.17
N TYR A 229 4.07 24.46 -2.29
CA TYR A 229 2.84 24.36 -3.08
C TYR A 229 1.86 23.45 -2.39
N GLU A 230 0.61 23.48 -2.84
CA GLU A 230 -0.41 22.60 -2.32
C GLU A 230 -0.40 21.28 -3.08
N LEU A 231 -0.03 20.22 -2.38
CA LEU A 231 -0.06 18.88 -2.95
C LEU A 231 -1.49 18.33 -2.91
N GLU A 232 -1.94 17.79 -4.04
CA GLU A 232 -3.26 17.17 -4.10
C GLU A 232 -3.15 15.67 -4.22
N ASN A 233 -4.11 14.96 -3.64
CA ASN A 233 -4.13 13.50 -3.70
C ASN A 233 -4.53 13.05 -5.11
N ASP A 234 -3.73 12.16 -5.70
CA ASP A 234 -3.96 11.70 -7.06
CA ASP A 234 -3.98 11.73 -7.07
C ASP A 234 -5.10 10.68 -7.16
N ASN A 235 -5.50 10.13 -6.02
CA ASN A 235 -6.43 9.00 -6.00
C ASN A 235 -7.90 9.36 -6.23
N GLN A 236 -8.43 8.95 -7.39
CA GLN A 236 -9.79 9.31 -7.78
C GLN A 236 -10.87 8.63 -6.97
N LEU A 237 -10.60 7.43 -6.45
CA LEU A 237 -11.57 6.75 -5.58
C LEU A 237 -11.92 7.62 -4.38
N LEU A 238 -10.92 8.31 -3.85
CA LEU A 238 -11.10 9.17 -2.68
C LEU A 238 -12.15 10.25 -2.92
N TYR A 239 -12.23 10.73 -4.15
CA TYR A 239 -13.14 11.83 -4.46
C TYR A 239 -14.51 11.35 -4.93
N ASN A 240 -14.54 10.22 -5.63
CA ASN A 240 -15.74 9.83 -6.35
C ASN A 240 -16.53 8.71 -5.71
N TYR A 241 -15.92 8.01 -4.77
CA TYR A 241 -16.59 6.88 -4.11
C TYR A 241 -17.02 7.28 -2.70
N PRO A 242 -18.34 7.34 -2.47
CA PRO A 242 -18.82 7.70 -1.12
C PRO A 242 -18.31 6.73 -0.06
N GLY A 243 -17.81 7.28 1.05
CA GLY A 243 -17.31 6.48 2.15
C GLY A 243 -15.85 6.08 2.02
N ALA A 244 -15.24 6.40 0.88
CA ALA A 244 -13.85 6.04 0.60
C ALA A 244 -12.89 6.53 1.68
N LEU A 245 -11.95 5.66 2.07
CA LEU A 245 -10.89 6.03 2.99
C LEU A 245 -9.68 6.50 2.21
N GLY A 246 -9.72 6.27 0.91
CA GLY A 246 -8.60 6.59 0.04
C GLY A 246 -7.98 5.33 -0.54
N GLY A 247 -6.76 5.46 -1.04
CA GLY A 247 -6.09 4.32 -1.63
C GLY A 247 -4.73 4.65 -2.21
N LYS A 248 -4.25 3.81 -3.11
CA LYS A 248 -2.94 4.00 -3.70
C LYS A 248 -2.86 3.38 -5.09
N THR A 249 -2.38 4.18 -6.04
CA THR A 249 -2.24 3.75 -7.42
C THR A 249 -0.86 3.21 -7.71
N GLY A 250 -0.74 2.49 -8.83
CA GLY A 250 0.56 2.07 -9.31
C GLY A 250 0.52 1.60 -10.76
N TYR A 251 1.66 1.75 -11.44
CA TYR A 251 1.87 1.16 -12.76
C TYR A 251 3.36 1.06 -13.07
N THR A 252 3.78 -0.08 -13.59
CA THR A 252 5.06 -0.21 -14.27
C THR A 252 4.88 -1.12 -15.49
N ASP A 253 5.89 -1.13 -16.36
CA ASP A 253 5.88 -1.97 -17.55
C ASP A 253 5.67 -3.44 -17.19
N ASP A 254 6.32 -3.88 -16.11
CA ASP A 254 6.24 -5.27 -15.66
C ASP A 254 5.00 -5.58 -14.82
N ALA A 255 4.54 -4.61 -14.04
CA ALA A 255 3.43 -4.84 -13.11
C ALA A 255 2.07 -4.62 -13.76
N GLY A 256 2.03 -3.80 -14.80
CA GLY A 256 0.76 -3.34 -15.33
C GLY A 256 0.13 -2.41 -14.31
N GLN A 257 -1.19 -2.27 -14.38
CA GLN A 257 -1.91 -1.41 -13.45
C GLN A 257 -2.13 -2.10 -12.10
N THR A 258 -1.78 -1.42 -11.02
CA THR A 258 -2.09 -1.91 -9.68
C THR A 258 -2.86 -0.86 -8.88
N PHE A 259 -3.64 -1.32 -7.92
CA PHE A 259 -4.50 -0.40 -7.16
C PHE A 259 -4.90 -0.97 -5.82
N VAL A 260 -4.87 -0.14 -4.80
CA VAL A 260 -5.46 -0.47 -3.52
C VAL A 260 -6.43 0.64 -3.16
N GLY A 261 -7.60 0.27 -2.65
CA GLY A 261 -8.59 1.23 -2.23
C GLY A 261 -9.41 0.68 -1.09
N ALA A 262 -9.99 1.56 -0.28
CA ALA A 262 -10.85 1.12 0.81
C ALA A 262 -11.98 2.11 1.06
N ALA A 263 -13.04 1.64 1.71
CA ALA A 263 -14.18 2.48 2.05
C ALA A 263 -14.86 2.00 3.34
N ASN A 264 -15.48 2.94 4.04
CA ASN A 264 -16.27 2.63 5.23
C ASN A 264 -17.71 3.05 4.97
N ARG A 265 -18.61 2.08 4.98
CA ARG A 265 -20.04 2.37 4.84
C ARG A 265 -20.79 1.67 5.97
N ASP A 266 -21.36 2.47 6.87
CA ASP A 266 -22.14 2.00 8.01
C ASP A 266 -21.34 1.08 8.92
N GLY A 267 -20.06 1.39 9.10
CA GLY A 267 -19.21 0.62 10.01
C GLY A 267 -18.58 -0.62 9.39
N ARG A 268 -18.96 -0.95 8.17
CA ARG A 268 -18.32 -2.04 7.44
C ARG A 268 -17.19 -1.47 6.59
N ARG A 269 -15.96 -1.83 6.93
CA ARG A 269 -14.78 -1.26 6.27
C ARG A 269 -14.12 -2.26 5.34
N LEU A 270 -14.33 -2.06 4.05
CA LEU A 270 -13.84 -3.01 3.06
C LEU A 270 -12.66 -2.46 2.30
N MET A 271 -11.76 -3.36 1.91
CA MET A 271 -10.57 -3.02 1.14
C MET A 271 -10.51 -3.88 -0.12
N THR A 272 -10.05 -3.29 -1.22
CA THR A 272 -9.80 -4.08 -2.40
C THR A 272 -8.39 -3.83 -2.91
N VAL A 273 -7.79 -4.88 -3.44
CA VAL A 273 -6.46 -4.86 -4.01
C VAL A 273 -6.52 -5.37 -5.44
N LEU A 274 -5.92 -4.64 -6.37
CA LEU A 274 -5.89 -5.07 -7.77
C LEU A 274 -4.44 -5.12 -8.28
N LEU A 275 -4.06 -6.25 -8.88
CA LEU A 275 -2.73 -6.38 -9.48
C LEU A 275 -2.81 -6.80 -10.94
N HIS A 276 -1.80 -6.40 -11.72
CA HIS A 276 -1.66 -6.81 -13.12
C HIS A 276 -2.91 -6.55 -13.94
N GLY A 277 -3.45 -5.33 -13.85
CA GLY A 277 -4.61 -4.96 -14.62
C GLY A 277 -4.24 -4.03 -15.75
N THR A 278 -5.27 -3.49 -16.41
CA THR A 278 -5.10 -2.47 -17.45
C THR A 278 -6.05 -1.31 -17.18
N ARG A 279 -6.03 -0.32 -18.06
CA ARG A 279 -6.96 0.80 -17.94
C ARG A 279 -8.23 0.57 -18.76
N GLN A 280 -8.38 -0.65 -19.27
CA GLN A 280 -9.58 -1.03 -20.01
C GLN A 280 -10.33 -2.12 -19.25
N PRO A 281 -11.67 -2.12 -19.33
CA PRO A 281 -12.54 -1.21 -20.09
C PRO A 281 -12.80 0.11 -19.37
N ILE A 282 -12.51 0.14 -18.08
CA ILE A 282 -12.67 1.35 -17.28
C ILE A 282 -11.40 1.54 -16.45
N PRO A 283 -11.15 2.79 -15.99
CA PRO A 283 -9.95 3.07 -15.18
C PRO A 283 -9.84 2.17 -13.94
N PRO A 284 -8.61 1.90 -13.50
CA PRO A 284 -8.36 1.04 -12.34
C PRO A 284 -9.18 1.42 -11.10
N TRP A 285 -9.30 2.71 -10.82
CA TRP A 285 -10.01 3.11 -9.61
C TRP A 285 -11.50 2.75 -9.71
N GLU A 286 -12.01 2.71 -10.94
CA GLU A 286 -13.41 2.40 -11.15
C GLU A 286 -13.64 0.89 -11.07
N GLN A 287 -12.65 0.12 -11.53
CA GLN A 287 -12.65 -1.32 -11.32
C GLN A 287 -12.67 -1.63 -9.82
N ALA A 288 -11.87 -0.87 -9.08
CA ALA A 288 -11.81 -1.00 -7.63
C ALA A 288 -13.15 -0.67 -6.98
N ALA A 289 -13.79 0.39 -7.46
CA ALA A 289 -15.10 0.78 -6.96
C ALA A 289 -16.11 -0.36 -7.11
N HIS A 290 -16.08 -1.03 -8.25
CA HIS A 290 -16.99 -2.13 -8.53
C HIS A 290 -16.71 -3.33 -7.62
N LEU A 291 -15.43 -3.63 -7.38
CA LEU A 291 -15.09 -4.73 -6.47
C LEU A 291 -15.53 -4.39 -5.05
N LEU A 292 -15.38 -3.14 -4.65
CA LEU A 292 -15.88 -2.69 -3.36
C LEU A 292 -17.41 -2.78 -3.31
N ASP A 293 -18.07 -2.32 -4.39
CA ASP A 293 -19.52 -2.51 -4.51
C ASP A 293 -19.87 -3.98 -4.33
N TYR A 294 -19.17 -4.84 -5.08
CA TYR A 294 -19.40 -6.28 -5.00
C TYR A 294 -19.24 -6.76 -3.56
N GLY A 295 -18.24 -6.23 -2.86
CA GLY A 295 -17.98 -6.61 -1.49
C GLY A 295 -19.08 -6.22 -0.52
N PHE A 296 -19.59 -5.00 -0.66
CA PHE A 296 -20.69 -4.54 0.18
C PHE A 296 -21.95 -5.33 -0.15
N ASN A 297 -22.04 -5.78 -1.40
CA ASN A 297 -23.21 -6.51 -1.87
C ASN A 297 -23.21 -7.98 -1.46
N THR A 298 -22.09 -8.47 -0.93
CA THR A 298 -22.04 -9.82 -0.37
C THR A 298 -22.51 -9.77 1.08
N PRO A 299 -23.19 -10.84 1.54
CA PRO A 299 -23.70 -10.85 2.92
C PRO A 299 -22.57 -10.71 3.94
N ALA A 300 -22.82 -9.97 5.00
CA ALA A 300 -21.82 -9.78 6.04
C ALA A 300 -21.42 -11.13 6.62
N GLY A 301 -20.16 -11.25 7.02
CA GLY A 301 -19.67 -12.49 7.59
C GLY A 301 -19.16 -13.46 6.53
N THR A 302 -19.45 -13.19 5.27
CA THR A 302 -18.93 -13.98 4.16
C THR A 302 -17.40 -14.04 4.26
N GLN A 303 -16.83 -15.23 4.06
CA GLN A 303 -15.40 -15.40 4.21
C GLN A 303 -14.90 -16.66 3.49
N ILE A 304 -14.03 -16.46 2.51
CA ILE A 304 -13.39 -17.59 1.82
C ILE A 304 -12.03 -17.89 2.43
N GLY A 305 -11.59 -17.01 3.32
CA GLY A 305 -10.31 -17.15 4.00
C GLY A 305 -10.07 -15.94 4.89
N THR A 306 -8.85 -15.80 5.41
CA THR A 306 -8.58 -14.69 6.30
C THR A 306 -7.21 -14.05 6.05
N LEU A 307 -7.13 -12.74 6.26
CA LEU A 307 -5.85 -12.05 6.30
C LEU A 307 -5.22 -12.31 7.66
N ILE A 308 -4.09 -13.03 7.68
CA ILE A 308 -3.52 -13.42 8.96
C ILE A 308 -3.02 -12.22 9.75
N GLU A 309 -2.92 -12.38 11.05
CA GLU A 309 -2.57 -11.29 11.96
C GLU A 309 -1.06 -11.01 11.94
N PRO A 310 -0.68 -9.73 12.14
CA PRO A 310 0.75 -9.39 12.22
C PRO A 310 1.44 -10.06 13.40
N ASP A 311 2.76 -10.13 13.37
CA ASP A 311 3.53 -10.46 14.57
C ASP A 311 3.06 -9.53 15.68
N PRO A 312 2.93 -10.05 16.91
CA PRO A 312 2.49 -9.19 18.02
C PRO A 312 3.38 -7.96 18.22
N SER A 313 4.68 -8.09 17.97
CA SER A 313 5.60 -6.96 18.16
C SER A 313 5.22 -5.75 17.29
N LEU A 314 4.48 -5.99 16.22
CA LEU A 314 4.11 -4.90 15.30
C LEU A 314 2.89 -4.13 15.77
N MET A 315 2.20 -4.66 16.79
CA MET A 315 0.90 -4.14 17.15
C MET A 315 0.88 -3.30 18.42
N SER A 316 2.06 -3.05 18.99
CA SER A 316 2.20 -2.15 20.13
C SER A 316 3.47 -1.32 20.01
N THR A 317 3.59 -0.26 20.79
CA THR A 317 4.70 0.67 20.60
C THR A 317 5.59 0.76 21.84
N ASP A 318 6.90 0.85 21.59
CA ASP A 318 7.89 0.89 22.66
C ASP A 318 8.55 2.27 22.70
N ARG A 319 8.29 3.01 23.78
CA ARG A 319 8.79 4.38 23.89
C ARG A 319 10.32 4.44 23.91
N ARG A 326 15.81 16.49 31.13
CA ARG A 326 14.57 17.24 31.02
C ARG A 326 13.72 17.16 32.29
N VAL A 327 13.78 16.05 33.01
CA VAL A 327 12.97 15.93 34.23
C VAL A 327 13.79 15.51 35.44
N ASP A 328 15.11 15.43 35.30
CA ASP A 328 16.00 15.19 36.45
C ASP A 328 15.88 16.31 37.47
N PRO A 329 16.07 15.99 38.75
CA PRO A 329 16.09 17.06 39.76
C PRO A 329 17.19 18.08 39.46
N GLN A 330 16.81 19.36 39.41
CA GLN A 330 17.74 20.41 39.00
C GLN A 330 17.34 21.76 39.58
C1 MER B . 4.44 3.64 -9.13
C2 MER B . 3.03 6.51 -11.26
C3 MER B . 5.31 4.44 -10.02
C4 MER B . 4.89 5.82 -9.93
C5 MER B . 2.59 6.62 -9.86
O6 MER B . 3.61 2.82 -9.62
C7 MER B . 6.73 4.26 -9.56
O8 MER B . 7.58 5.04 -10.33
C9 MER B . 7.19 2.81 -9.66
N10 MER B . 3.63 6.12 -8.99
C11 MER B . 1.10 6.50 -9.48
O12 MER B . 0.20 6.94 -10.30
O13 MER B . 0.75 6.00 -8.38
S14 MER B . 2.14 5.38 -12.38
C15 MER B . 1.14 6.34 -13.49
C16 MER B . 1.48 5.99 -14.86
C17 MER B . 0.20 6.19 -15.64
C18 MER B . 4.50 6.59 -11.31
N19 MER B . -0.87 6.32 -14.64
C20 MER B . 5.08 6.07 -12.61
C21 MER B . -0.30 5.97 -13.38
C22 MER B . -0.19 5.09 -16.62
N23 MER B . 0.50 4.88 -17.88
O24 MER B . -1.16 4.34 -16.33
C25 MER B . 1.61 5.71 -18.27
C26 MER B . 0.08 3.82 -18.77
#